data_1SHW
#
_entry.id   1SHW
#
_cell.length_a   37.89
_cell.length_b   88.97
_cell.length_c   122.81
_cell.angle_alpha   90.0
_cell.angle_beta   90.0
_cell.angle_gamma   90.0
#
_symmetry.space_group_name_H-M   'P 21 21 21'
#
loop_
_entity.id
_entity.type
_entity.pdbx_description
1 polymer Ephrin-A5
2 polymer 'Ephrin type-B receptor 2'
3 branched 2-acetamido-2-deoxy-beta-D-glucopyranose-(1-4)-2-acetamido-2-deoxy-beta-D-glucopyranose-(1-4)-2-acetamido-2-deoxy-beta-D-glucopyranose
4 non-polymer 'ZINC ION'
5 water water
#
loop_
_entity_poly.entity_id
_entity_poly.type
_entity_poly.pdbx_seq_one_letter_code
_entity_poly.pdbx_strand_id
1 'polypeptide(L)'
;VADRYAVYWNSSNPRFQRGDYHIDVCINDYLDVFCPHYEDSVPEDKTERYVLYMVNFDGYSACDHTSKGFKRWECNRPHS
PNGPLKFSEKFQLFTPFSLGFEFRPGREYFYISSAIPDNGRRSCLKLKVFVRPTNSCM
;
A
2 'polypeptide(L)'
;VEETLMDSTTATAELGWMVHPPSGWEEVSGYDENMNTIRTYQVCNVFESSQNNWLRTKFIRRRGAHRIHVEMKFSVRDCS
SIPSVPGSCKETFNLYYYEADFDLATKTFPNWMENPWVKVDTIAADESFSQVDLGGRVMKINTEVRSFGPVSRNGFYLAF
QDYGGCMSLIAVRVFYRKCPR
;
B
#
# COMPACT_ATOMS: atom_id res chain seq x y z
N VAL A 1 14.76 7.14 16.25
CA VAL A 1 15.30 5.97 15.49
C VAL A 1 15.94 6.42 14.18
N ALA A 2 15.15 6.35 13.10
CA ALA A 2 15.64 6.75 11.78
C ALA A 2 14.52 7.32 10.91
N ASP A 3 13.84 6.43 10.20
CA ASP A 3 12.73 6.77 9.30
C ASP A 3 11.59 5.76 9.53
N ARG A 4 11.95 4.56 10.00
CA ARG A 4 11.00 3.49 10.30
C ARG A 4 11.02 3.11 11.78
N TYR A 5 9.86 3.13 12.43
CA TYR A 5 9.79 2.81 13.83
C TYR A 5 9.07 1.51 14.13
N ALA A 6 9.83 0.53 14.62
CA ALA A 6 9.29 -0.78 14.95
C ALA A 6 8.64 -0.78 16.34
N VAL A 7 7.41 -1.28 16.41
CA VAL A 7 6.67 -1.33 17.65
C VAL A 7 6.17 -2.77 17.88
N TYR A 8 6.70 -3.43 18.91
CA TYR A 8 6.27 -4.80 19.21
C TYR A 8 5.09 -4.74 20.15
N TRP A 9 3.91 -4.90 19.56
CA TRP A 9 2.66 -4.79 20.27
C TRP A 9 2.24 -5.95 21.16
N ASN A 10 2.93 -6.13 22.28
CA ASN A 10 2.57 -7.19 23.23
C ASN A 10 2.79 -6.73 24.67
N SER A 11 2.01 -7.31 25.59
CA SER A 11 2.04 -6.94 27.00
C SER A 11 3.35 -7.17 27.74
N SER A 12 4.27 -7.90 27.12
CA SER A 12 5.57 -8.17 27.75
C SER A 12 6.57 -7.07 27.43
N ASN A 13 6.28 -6.27 26.41
CA ASN A 13 7.15 -5.17 26.01
C ASN A 13 7.17 -4.10 27.10
N PRO A 14 8.34 -3.87 27.72
CA PRO A 14 8.44 -2.87 28.79
C PRO A 14 7.96 -1.48 28.37
N ARG A 15 8.05 -1.18 27.07
CA ARG A 15 7.62 0.13 26.54
C ARG A 15 6.13 0.34 26.77
N PHE A 16 5.36 -0.73 26.61
CA PHE A 16 3.92 -0.66 26.82
C PHE A 16 3.56 -0.79 28.30
N GLN A 17 4.39 -1.51 29.05
CA GLN A 17 4.13 -1.68 30.47
C GLN A 17 4.26 -0.36 31.22
N ARG A 18 5.03 0.59 30.66
CA ARG A 18 5.19 1.90 31.28
C ARG A 18 4.01 2.82 30.93
N GLY A 19 3.09 2.31 30.11
CA GLY A 19 1.89 3.05 29.74
C GLY A 19 1.93 4.38 28.99
N ASP A 20 3.11 4.93 28.73
CA ASP A 20 3.18 6.22 28.03
C ASP A 20 3.98 6.12 26.72
N TYR A 21 3.96 4.96 26.11
CA TYR A 21 4.68 4.72 24.87
C TYR A 21 4.26 5.72 23.78
N HIS A 22 5.23 6.44 23.24
CA HIS A 22 4.97 7.39 22.16
C HIS A 22 6.22 7.49 21.29
N ILE A 23 6.05 7.91 20.05
CA ILE A 23 7.18 8.08 19.15
C ILE A 23 7.07 9.42 18.45
N ASP A 24 8.22 10.06 18.24
CA ASP A 24 8.26 11.36 17.58
C ASP A 24 8.70 11.09 16.16
N VAL A 25 7.83 11.43 15.21
CA VAL A 25 8.14 11.16 13.82
C VAL A 25 8.02 12.39 12.95
N CYS A 26 8.46 12.24 11.72
CA CYS A 26 8.39 13.30 10.73
C CYS A 26 7.57 12.75 9.58
N ILE A 27 6.90 13.64 8.85
CA ILE A 27 6.11 13.26 7.68
C ILE A 27 6.93 12.27 6.81
N ASN A 28 6.27 11.25 6.29
CA ASN A 28 6.86 10.21 5.46
C ASN A 28 7.64 9.15 6.21
N ASP A 29 7.71 9.28 7.53
CA ASP A 29 8.39 8.25 8.33
C ASP A 29 7.37 7.13 8.37
N TYR A 30 7.74 5.96 8.89
CA TYR A 30 6.82 4.83 8.95
C TYR A 30 6.70 4.26 10.35
N LEU A 31 5.57 3.61 10.60
CA LEU A 31 5.34 2.94 11.86
C LEU A 31 5.12 1.49 11.46
N ASP A 32 5.92 0.58 12.02
CA ASP A 32 5.76 -0.84 11.72
C ASP A 32 5.30 -1.53 13.01
N VAL A 33 4.05 -1.97 13.02
CA VAL A 33 3.52 -2.67 14.19
C VAL A 33 3.77 -4.18 14.05
N PHE A 34 4.46 -4.75 15.02
CA PHE A 34 4.72 -6.18 15.00
C PHE A 34 3.81 -6.90 15.97
N CYS A 35 2.89 -7.68 15.42
CA CYS A 35 1.95 -8.45 16.21
C CYS A 35 2.61 -9.53 17.05
N PRO A 36 2.01 -9.88 18.21
CA PRO A 36 2.62 -10.92 19.04
C PRO A 36 2.74 -12.21 18.24
N HIS A 37 3.92 -12.82 18.29
CA HIS A 37 4.18 -14.04 17.54
C HIS A 37 4.70 -15.13 18.46
N TYR A 38 4.10 -16.32 18.37
CA TYR A 38 4.52 -17.45 19.20
C TYR A 38 4.77 -18.68 18.36
N GLU A 39 5.76 -19.48 18.74
CA GLU A 39 6.08 -20.69 18.02
C GLU A 39 4.86 -21.63 18.11
N ASP A 40 4.89 -22.72 17.36
CA ASP A 40 3.78 -23.67 17.35
C ASP A 40 3.59 -24.45 18.65
N SER A 41 4.57 -24.38 19.55
CA SER A 41 4.48 -25.10 20.82
C SER A 41 3.86 -24.27 21.96
N VAL A 42 2.69 -23.69 21.67
CA VAL A 42 1.95 -22.88 22.66
C VAL A 42 0.45 -23.11 22.49
N PRO A 43 -0.23 -23.53 23.57
CA PRO A 43 -1.68 -23.82 23.63
C PRO A 43 -2.63 -22.73 23.13
N GLU A 44 -2.07 -21.63 22.61
CA GLU A 44 -2.90 -20.52 22.13
C GLU A 44 -3.83 -19.96 23.20
N ASP A 45 -3.41 -20.05 24.45
CA ASP A 45 -4.19 -19.53 25.56
C ASP A 45 -3.41 -18.36 26.13
N LYS A 46 -2.09 -18.48 26.10
CA LYS A 46 -1.20 -17.43 26.57
C LYS A 46 -0.89 -16.58 25.36
N THR A 47 -1.42 -17.01 24.22
CA THR A 47 -1.26 -16.30 22.95
C THR A 47 -2.08 -15.01 22.96
N GLU A 48 -1.42 -13.88 22.69
CA GLU A 48 -2.11 -12.60 22.67
C GLU A 48 -2.59 -12.25 21.27
N ARG A 49 -3.82 -11.74 21.19
CA ARG A 49 -4.42 -11.33 19.94
C ARG A 49 -5.06 -9.99 20.21
N TYR A 50 -5.04 -9.09 19.23
CA TYR A 50 -5.60 -7.76 19.41
C TYR A 50 -6.21 -7.19 18.16
N VAL A 51 -7.09 -6.22 18.36
CA VAL A 51 -7.68 -5.48 17.27
C VAL A 51 -7.10 -4.11 17.59
N LEU A 52 -6.56 -3.43 16.57
CA LEU A 52 -5.97 -2.11 16.81
C LEU A 52 -6.83 -1.03 16.19
N TYR A 53 -7.02 0.04 16.94
CA TYR A 53 -7.84 1.17 16.50
C TYR A 53 -7.08 2.49 16.51
N MET A 54 -7.43 3.36 15.57
CA MET A 54 -6.85 4.70 15.56
C MET A 54 -7.98 5.49 16.22
N VAL A 55 -7.66 6.20 17.30
CA VAL A 55 -8.68 6.95 18.04
C VAL A 55 -8.26 8.38 18.32
N ASN A 56 -9.19 9.17 18.87
CA ASN A 56 -8.86 10.55 19.22
C ASN A 56 -8.32 10.53 20.65
N PHE A 57 -7.95 11.68 21.21
CA PHE A 57 -7.37 11.69 22.55
C PHE A 57 -8.26 11.11 23.65
N ASP A 58 -9.53 11.49 23.67
CA ASP A 58 -10.44 10.97 24.69
C ASP A 58 -10.56 9.47 24.58
N GLY A 59 -10.66 8.97 23.35
CA GLY A 59 -10.75 7.53 23.15
C GLY A 59 -9.46 6.88 23.64
N TYR A 60 -8.34 7.55 23.37
CA TYR A 60 -7.03 7.09 23.78
C TYR A 60 -6.96 7.04 25.31
N SER A 61 -7.41 8.13 25.94
CA SER A 61 -7.38 8.23 27.39
C SER A 61 -8.24 7.18 28.11
N ALA A 62 -9.39 6.85 27.52
CA ALA A 62 -10.31 5.90 28.12
C ALA A 62 -10.20 4.47 27.61
N CYS A 63 -9.35 4.24 26.61
CA CYS A 63 -9.20 2.91 26.04
C CYS A 63 -10.55 2.51 25.44
N ASP A 64 -11.16 3.44 24.72
CA ASP A 64 -12.45 3.19 24.10
C ASP A 64 -12.47 3.75 22.69
N HIS A 65 -12.71 2.87 21.71
CA HIS A 65 -12.76 3.30 20.31
C HIS A 65 -14.16 3.76 19.90
N THR A 66 -15.17 3.29 20.62
CA THR A 66 -16.56 3.62 20.34
C THR A 66 -16.84 5.08 19.99
N SER A 67 -17.32 5.30 18.78
CA SER A 67 -17.66 6.64 18.30
C SER A 67 -16.47 7.60 18.26
N LYS A 68 -15.27 7.08 18.53
CA LYS A 68 -14.07 7.92 18.52
C LYS A 68 -12.88 7.27 17.81
N GLY A 69 -13.14 6.28 16.97
CA GLY A 69 -12.03 5.62 16.28
C GLY A 69 -12.37 4.74 15.10
N PHE A 70 -11.34 4.31 14.38
CA PHE A 70 -11.49 3.46 13.20
C PHE A 70 -10.76 2.16 13.47
N LYS A 71 -11.37 1.02 13.12
CA LYS A 71 -10.66 -0.23 13.30
C LYS A 71 -9.52 -0.10 12.30
N ARG A 72 -8.29 -0.35 12.75
CA ARG A 72 -7.14 -0.22 11.88
C ARG A 72 -6.51 -1.54 11.47
N TRP A 73 -6.06 -2.31 12.46
CA TRP A 73 -5.41 -3.59 12.17
C TRP A 73 -5.89 -4.71 13.06
N GLU A 74 -5.65 -5.93 12.62
CA GLU A 74 -6.05 -7.09 13.38
C GLU A 74 -4.92 -8.06 13.54
N CYS A 75 -4.46 -8.20 14.76
CA CYS A 75 -3.39 -9.14 15.06
C CYS A 75 -4.12 -10.42 15.40
N ASN A 76 -4.55 -11.14 14.37
CA ASN A 76 -5.29 -12.39 14.54
C ASN A 76 -4.54 -13.63 14.04
N ARG A 77 -3.24 -13.49 13.78
CA ARG A 77 -2.46 -14.63 13.30
C ARG A 77 -1.19 -14.85 14.11
N PRO A 78 -1.33 -15.32 15.36
CA PRO A 78 -0.17 -15.58 16.23
C PRO A 78 0.79 -16.66 15.73
N HIS A 79 0.49 -17.25 14.58
CA HIS A 79 1.33 -18.27 13.99
C HIS A 79 1.61 -18.04 12.51
N SER A 80 1.76 -16.77 12.13
CA SER A 80 2.03 -16.43 10.74
C SER A 80 3.37 -17.03 10.34
N PRO A 81 3.59 -17.25 9.03
CA PRO A 81 4.85 -17.83 8.57
C PRO A 81 6.10 -16.99 8.88
N ASN A 82 6.57 -16.23 7.89
CA ASN A 82 7.76 -15.41 8.07
C ASN A 82 7.67 -14.40 9.21
N GLY A 83 7.97 -14.86 10.42
CA GLY A 83 7.94 -13.99 11.58
C GLY A 83 6.59 -13.45 11.98
N PRO A 84 6.56 -12.41 12.83
CA PRO A 84 5.34 -11.77 13.31
C PRO A 84 4.53 -11.11 12.20
N LEU A 85 3.21 -11.14 12.31
CA LEU A 85 2.38 -10.48 11.31
C LEU A 85 2.77 -9.02 11.48
N LYS A 86 2.88 -8.28 10.38
CA LYS A 86 3.26 -6.89 10.50
C LYS A 86 2.36 -5.94 9.72
N PHE A 87 2.05 -4.81 10.35
CA PHE A 87 1.22 -3.80 9.70
C PHE A 87 2.08 -2.54 9.68
N SER A 88 1.92 -1.73 8.64
CA SER A 88 2.70 -0.52 8.50
C SER A 88 1.85 0.70 8.20
N GLU A 89 2.28 1.82 8.76
CA GLU A 89 1.58 3.08 8.52
C GLU A 89 2.59 4.14 8.12
N LYS A 90 2.34 4.80 7.00
CA LYS A 90 3.21 5.86 6.52
C LYS A 90 2.56 7.19 6.86
N PHE A 91 3.30 8.05 7.55
CA PHE A 91 2.77 9.35 7.93
C PHE A 91 2.87 10.33 6.77
N GLN A 92 2.06 10.07 5.75
CA GLN A 92 2.01 10.87 4.53
C GLN A 92 1.05 12.04 4.62
N LEU A 93 1.29 13.06 3.81
CA LEU A 93 0.45 14.25 3.78
C LEU A 93 -0.80 14.03 2.95
N PHE A 94 -0.64 13.39 1.80
CA PHE A 94 -1.76 13.16 0.91
C PHE A 94 -1.89 11.70 0.50
N THR A 95 -3.09 11.15 0.66
CA THR A 95 -3.36 9.77 0.31
C THR A 95 -3.67 9.67 -1.18
N PRO A 96 -3.02 8.74 -1.88
CA PRO A 96 -3.29 8.60 -3.32
C PRO A 96 -4.53 7.73 -3.52
N PHE A 97 -5.12 7.29 -2.41
CA PHE A 97 -6.33 6.45 -2.45
C PHE A 97 -7.47 7.09 -1.64
N SER A 98 -8.69 6.95 -2.14
CA SER A 98 -9.89 7.51 -1.51
C SER A 98 -9.94 7.39 0.02
N LEU A 99 -10.31 8.50 0.66
CA LEU A 99 -10.41 8.59 2.11
C LEU A 99 -9.34 7.85 2.90
N GLY A 100 -8.15 7.69 2.30
CA GLY A 100 -7.06 7.03 2.99
C GLY A 100 -6.67 7.89 4.17
N PHE A 101 -5.59 7.54 4.87
CA PHE A 101 -5.18 8.31 6.04
C PHE A 101 -4.10 9.36 5.77
N GLU A 102 -4.39 10.60 6.15
CA GLU A 102 -3.46 11.70 5.97
C GLU A 102 -2.99 12.23 7.33
N PHE A 103 -1.76 12.74 7.37
CA PHE A 103 -1.22 13.26 8.61
C PHE A 103 -0.69 14.65 8.40
N ARG A 104 -0.62 15.40 9.49
CA ARG A 104 -0.16 16.77 9.43
C ARG A 104 0.93 17.05 10.46
N PRO A 105 1.92 17.88 10.08
CA PRO A 105 3.03 18.25 10.96
C PRO A 105 2.49 18.91 12.24
N GLY A 106 3.14 18.65 13.37
CA GLY A 106 2.71 19.25 14.62
C GLY A 106 1.48 18.66 15.28
N ARG A 107 0.96 17.55 14.76
CA ARG A 107 -0.23 16.92 15.33
C ARG A 107 0.05 15.59 16.02
N GLU A 108 -0.84 15.19 16.92
CA GLU A 108 -0.67 13.93 17.62
C GLU A 108 -1.72 12.93 17.18
N TYR A 109 -1.33 11.66 17.08
CA TYR A 109 -2.25 10.61 16.69
C TYR A 109 -2.17 9.49 17.72
N PHE A 110 -3.26 8.75 17.86
CA PHE A 110 -3.30 7.71 18.88
C PHE A 110 -3.87 6.40 18.42
N TYR A 111 -3.31 5.33 18.98
CA TYR A 111 -3.73 3.97 18.70
C TYR A 111 -3.87 3.23 20.02
N ILE A 112 -4.91 2.40 20.12
CA ILE A 112 -5.15 1.59 21.31
C ILE A 112 -5.58 0.23 20.81
N SER A 113 -5.55 -0.76 21.68
CA SER A 113 -5.95 -2.09 21.26
C SER A 113 -6.86 -2.72 22.28
N SER A 114 -7.64 -3.68 21.84
CA SER A 114 -8.51 -4.42 22.74
C SER A 114 -8.18 -5.88 22.45
N ALA A 115 -7.94 -6.65 23.51
CA ALA A 115 -7.59 -8.07 23.36
C ALA A 115 -8.77 -8.81 22.75
N ILE A 116 -8.49 -9.75 21.85
CA ILE A 116 -9.54 -10.52 21.21
C ILE A 116 -10.20 -11.46 22.22
N PRO A 117 -9.41 -12.35 22.85
CA PRO A 117 -10.04 -13.25 23.83
C PRO A 117 -10.62 -12.45 24.99
N ASP A 118 -10.40 -11.14 24.94
CA ASP A 118 -10.89 -10.19 25.94
C ASP A 118 -10.44 -10.46 27.37
N ASN A 119 -9.73 -9.49 27.93
CA ASN A 119 -9.21 -9.58 29.29
C ASN A 119 -10.06 -8.74 30.25
N GLY A 120 -10.56 -7.60 29.75
CA GLY A 120 -11.37 -6.73 30.56
C GLY A 120 -11.53 -5.33 29.96
N ARG A 121 -10.77 -5.05 28.91
CA ARG A 121 -10.81 -3.76 28.23
C ARG A 121 -10.36 -2.63 29.16
N ARG A 122 -9.70 -2.99 30.25
CA ARG A 122 -9.20 -2.03 31.23
C ARG A 122 -8.04 -1.21 30.67
N SER A 123 -6.88 -1.33 31.31
CA SER A 123 -5.69 -0.61 30.86
C SER A 123 -5.14 -1.19 29.56
N CYS A 124 -5.70 -0.74 28.44
CA CYS A 124 -5.29 -1.22 27.13
C CYS A 124 -3.85 -0.84 26.77
N LEU A 125 -3.30 -1.54 25.79
CA LEU A 125 -1.97 -1.19 25.31
C LEU A 125 -2.30 -0.02 24.38
N LYS A 126 -1.47 1.01 24.38
CA LYS A 126 -1.77 2.16 23.54
C LYS A 126 -0.48 2.83 23.06
N LEU A 127 -0.58 3.62 22.00
CA LEU A 127 0.58 4.31 21.43
C LEU A 127 0.19 5.70 20.95
N LYS A 128 1.03 6.68 21.27
CA LYS A 128 0.77 8.03 20.80
C LYS A 128 1.87 8.37 19.80
N VAL A 129 1.47 8.93 18.67
CA VAL A 129 2.43 9.31 17.65
C VAL A 129 2.40 10.82 17.52
N PHE A 130 3.56 11.44 17.66
CA PHE A 130 3.65 12.89 17.54
C PHE A 130 4.35 13.20 16.23
N VAL A 131 3.61 13.75 15.27
CA VAL A 131 4.21 14.10 13.98
C VAL A 131 4.78 15.49 14.21
N ARG A 132 6.10 15.58 14.19
CA ARG A 132 6.81 16.83 14.44
C ARG A 132 6.50 17.97 13.49
N PRO A 133 6.55 19.23 13.98
CA PRO A 133 6.27 20.36 13.10
C PRO A 133 7.36 20.43 12.03
N THR A 134 7.09 21.12 10.93
CA THR A 134 8.06 21.21 9.85
C THR A 134 9.38 21.80 10.30
N ASN A 135 9.31 22.76 11.21
CA ASN A 135 10.51 23.40 11.74
C ASN A 135 11.45 22.39 12.40
N SER A 136 10.91 21.37 13.04
CA SER A 136 11.73 20.38 13.71
C SER A 136 12.33 19.35 12.75
N CYS A 137 11.59 19.00 11.71
CA CYS A 137 12.04 18.00 10.76
C CYS A 137 13.05 18.43 9.71
N MET A 138 14.30 18.57 10.13
CA MET A 138 15.39 18.97 9.25
C MET A 138 15.15 20.34 8.61
N VAL B 1 -12.87 -19.41 -21.61
CA VAL B 1 -11.95 -18.95 -22.69
C VAL B 1 -10.77 -18.15 -22.13
N GLU B 2 -11.07 -17.24 -21.20
CA GLU B 2 -10.05 -16.40 -20.58
C GLU B 2 -9.11 -17.15 -19.67
N GLU B 3 -7.83 -16.83 -19.79
CA GLU B 3 -6.82 -17.48 -18.97
C GLU B 3 -5.99 -16.39 -18.31
N THR B 4 -5.93 -16.42 -16.99
CA THR B 4 -5.16 -15.43 -16.25
C THR B 4 -3.69 -15.84 -16.19
N LEU B 5 -2.82 -14.90 -16.51
CA LEU B 5 -1.38 -15.13 -16.50
C LEU B 5 -0.79 -14.55 -15.22
N MET B 6 -1.50 -13.59 -14.63
CA MET B 6 -1.07 -12.96 -13.39
C MET B 6 -2.22 -12.11 -12.85
N ASP B 7 -2.34 -12.07 -11.52
CA ASP B 7 -3.38 -11.31 -10.85
C ASP B 7 -2.86 -10.87 -9.48
N SER B 8 -2.52 -9.59 -9.36
CA SER B 8 -1.98 -9.06 -8.11
C SER B 8 -2.86 -9.26 -6.88
N THR B 9 -4.17 -9.42 -7.07
CA THR B 9 -5.08 -9.57 -5.94
C THR B 9 -5.03 -10.94 -5.25
N THR B 10 -4.48 -11.94 -5.93
CA THR B 10 -4.40 -13.29 -5.38
C THR B 10 -3.05 -13.58 -4.70
N ALA B 11 -2.25 -12.55 -4.53
CA ALA B 11 -0.93 -12.68 -3.92
C ALA B 11 -0.91 -13.37 -2.55
N THR B 12 -1.75 -12.91 -1.64
CA THR B 12 -1.82 -13.47 -0.29
C THR B 12 -0.41 -13.53 0.33
N ALA B 13 0.35 -12.46 0.09
CA ALA B 13 1.71 -12.31 0.59
C ALA B 13 2.17 -10.93 0.14
N GLU B 14 3.43 -10.79 -0.25
CA GLU B 14 3.93 -9.50 -0.72
C GLU B 14 4.21 -9.60 -2.22
N LEU B 15 3.87 -8.55 -2.96
CA LEU B 15 4.08 -8.56 -4.41
C LEU B 15 5.57 -8.57 -4.76
N GLY B 16 6.34 -7.77 -4.03
CA GLY B 16 7.77 -7.71 -4.27
C GLY B 16 8.19 -7.20 -5.63
N TRP B 17 7.34 -6.41 -6.29
CA TRP B 17 7.67 -5.86 -7.60
C TRP B 17 8.85 -4.88 -7.48
N MET B 18 9.64 -4.75 -8.55
CA MET B 18 10.80 -3.86 -8.54
C MET B 18 10.46 -2.40 -8.77
N VAL B 19 11.11 -1.54 -7.99
CA VAL B 19 10.91 -0.10 -8.07
C VAL B 19 12.26 0.51 -8.40
N HIS B 20 12.40 1.05 -9.59
CA HIS B 20 13.68 1.63 -9.98
C HIS B 20 14.04 2.71 -8.97
N PRO B 21 13.34 3.86 -8.99
CA PRO B 21 13.72 4.86 -7.99
C PRO B 21 12.99 4.45 -6.70
N PRO B 22 13.74 4.06 -5.65
CA PRO B 22 13.13 3.65 -4.38
C PRO B 22 12.25 4.73 -3.75
N SER B 23 12.56 5.98 -4.04
CA SER B 23 11.80 7.11 -3.51
C SER B 23 10.52 7.37 -4.29
N GLY B 24 10.14 6.45 -5.16
CA GLY B 24 8.92 6.64 -5.97
C GLY B 24 7.80 5.71 -5.55
N TRP B 25 7.53 4.69 -6.36
CA TRP B 25 6.47 3.75 -6.02
C TRP B 25 6.85 2.98 -4.77
N GLU B 26 5.86 2.54 -4.03
CA GLU B 26 6.09 1.76 -2.82
C GLU B 26 4.87 0.88 -2.60
N GLU B 27 5.10 -0.31 -2.07
CA GLU B 27 4.01 -1.25 -1.83
C GLU B 27 3.27 -0.91 -0.54
N VAL B 28 1.95 -0.92 -0.59
CA VAL B 28 1.11 -0.59 0.57
C VAL B 28 -0.17 -1.42 0.60
N SER B 29 -0.72 -1.61 1.80
CA SER B 29 -1.97 -2.35 1.98
C SER B 29 -3.11 -1.51 1.42
N GLY B 30 -4.07 -2.15 0.77
CA GLY B 30 -5.19 -1.41 0.20
C GLY B 30 -6.49 -2.19 0.19
N TYR B 31 -7.50 -1.65 -0.48
CA TYR B 31 -8.80 -2.29 -0.56
C TYR B 31 -9.34 -2.49 -1.97
N ASP B 32 -10.03 -3.61 -2.16
CA ASP B 32 -10.65 -3.96 -3.43
C ASP B 32 -11.99 -3.24 -3.58
N GLU B 33 -12.55 -3.27 -4.79
CA GLU B 33 -13.82 -2.62 -5.03
C GLU B 33 -14.92 -3.22 -4.17
N ASN B 34 -14.87 -4.54 -4.00
CA ASN B 34 -15.86 -5.25 -3.20
C ASN B 34 -15.44 -5.21 -1.73
N MET B 35 -14.68 -4.17 -1.37
CA MET B 35 -14.19 -4.00 -0.02
C MET B 35 -13.46 -5.25 0.47
N ASN B 36 -12.25 -5.43 -0.03
CA ASN B 36 -11.40 -6.56 0.34
C ASN B 36 -9.97 -6.08 0.46
N THR B 37 -9.18 -6.76 1.29
CA THR B 37 -7.78 -6.39 1.49
C THR B 37 -6.86 -7.03 0.46
N ILE B 38 -6.00 -6.21 -0.13
CA ILE B 38 -5.04 -6.68 -1.13
C ILE B 38 -3.74 -5.88 -1.03
N ARG B 39 -2.78 -6.22 -1.88
CA ARG B 39 -1.52 -5.50 -1.92
C ARG B 39 -1.61 -4.53 -3.08
N THR B 40 -1.25 -3.27 -2.86
CA THR B 40 -1.32 -2.25 -3.90
C THR B 40 -0.02 -1.44 -3.96
N TYR B 41 0.10 -0.56 -4.96
CA TYR B 41 1.26 0.30 -5.10
C TYR B 41 0.81 1.75 -5.25
N GLN B 42 1.60 2.68 -4.73
CA GLN B 42 1.23 4.07 -4.84
C GLN B 42 2.43 4.98 -4.95
N VAL B 43 2.22 6.17 -5.52
CA VAL B 43 3.26 7.18 -5.68
C VAL B 43 2.56 8.50 -5.45
N CYS B 44 3.27 9.46 -4.88
CA CYS B 44 2.69 10.76 -4.64
C CYS B 44 3.78 11.76 -4.28
N ASN B 45 4.71 11.96 -5.20
CA ASN B 45 5.80 12.92 -4.99
C ASN B 45 5.46 14.21 -5.76
N VAL B 46 4.36 14.84 -5.38
CA VAL B 46 3.92 16.07 -6.04
C VAL B 46 4.71 17.31 -5.67
N PHE B 47 5.62 17.19 -4.71
CA PHE B 47 6.43 18.31 -4.27
C PHE B 47 7.86 18.21 -4.80
N GLU B 48 8.11 17.18 -5.60
CA GLU B 48 9.42 16.95 -6.19
C GLU B 48 9.33 17.11 -7.70
N SER B 49 10.25 17.88 -8.27
CA SER B 49 10.27 18.11 -9.72
C SER B 49 10.93 16.94 -10.44
N SER B 50 10.82 16.96 -11.77
CA SER B 50 11.41 15.93 -12.63
C SER B 50 11.18 14.49 -12.18
N GLN B 51 9.93 14.16 -11.88
CA GLN B 51 9.60 12.80 -11.46
C GLN B 51 9.53 11.85 -12.66
N ASN B 52 10.11 10.67 -12.48
CA ASN B 52 10.14 9.63 -13.49
C ASN B 52 10.20 8.33 -12.72
N ASN B 53 9.10 7.98 -12.08
CA ASN B 53 9.03 6.80 -11.25
C ASN B 53 8.55 5.53 -11.94
N TRP B 54 9.36 4.47 -11.86
CA TRP B 54 9.03 3.19 -12.48
C TRP B 54 8.70 2.09 -11.50
N LEU B 55 7.82 1.20 -11.95
CA LEU B 55 7.37 0.07 -11.17
C LEU B 55 7.34 -1.15 -12.11
N ARG B 56 8.05 -2.21 -11.73
CA ARG B 56 8.15 -3.42 -12.55
C ARG B 56 7.61 -4.66 -11.85
N THR B 57 6.77 -5.40 -12.56
CA THR B 57 6.17 -6.62 -12.02
C THR B 57 7.14 -7.78 -12.09
N LYS B 58 6.70 -8.94 -11.58
CA LYS B 58 7.55 -10.12 -11.63
C LYS B 58 7.52 -10.62 -13.07
N PHE B 59 8.29 -11.65 -13.36
CA PHE B 59 8.34 -12.25 -14.68
C PHE B 59 7.00 -12.96 -14.83
N ILE B 60 6.34 -12.75 -15.97
CA ILE B 60 5.05 -13.38 -16.20
C ILE B 60 5.14 -14.41 -17.34
N ARG B 61 4.94 -15.68 -17.03
CA ARG B 61 5.00 -16.73 -18.04
C ARG B 61 3.88 -16.53 -19.05
N ARG B 62 4.24 -16.65 -20.32
CA ARG B 62 3.32 -16.48 -21.44
C ARG B 62 2.26 -17.58 -21.53
N ARG B 63 2.66 -18.82 -21.26
CA ARG B 63 1.74 -19.97 -21.29
C ARG B 63 0.95 -20.21 -22.58
N GLY B 64 1.49 -19.80 -23.72
CA GLY B 64 0.78 -20.01 -24.98
C GLY B 64 -0.05 -18.86 -25.50
N ALA B 65 0.26 -17.64 -25.07
CA ALA B 65 -0.48 -16.47 -25.51
C ALA B 65 0.38 -15.58 -26.38
N HIS B 66 -0.26 -14.79 -27.25
CA HIS B 66 0.44 -13.85 -28.12
C HIS B 66 -0.20 -12.49 -27.89
N ARG B 67 -1.53 -12.49 -27.74
CA ARG B 67 -2.29 -11.26 -27.48
C ARG B 67 -2.49 -11.17 -25.97
N ILE B 68 -1.84 -10.22 -25.34
CA ILE B 68 -1.96 -10.06 -23.90
C ILE B 68 -2.90 -8.92 -23.53
N HIS B 69 -3.75 -9.17 -22.55
CA HIS B 69 -4.68 -8.13 -22.09
C HIS B 69 -4.27 -7.76 -20.68
N VAL B 70 -4.25 -6.47 -20.39
CA VAL B 70 -3.88 -6.01 -19.06
C VAL B 70 -5.03 -5.23 -18.45
N GLU B 71 -5.60 -5.75 -17.38
CA GLU B 71 -6.69 -5.07 -16.70
C GLU B 71 -6.11 -4.33 -15.49
N MET B 72 -6.26 -3.01 -15.46
CA MET B 72 -5.74 -2.22 -14.36
C MET B 72 -6.83 -1.47 -13.58
N LYS B 73 -6.81 -1.63 -12.26
CA LYS B 73 -7.74 -0.94 -11.36
C LYS B 73 -6.93 0.09 -10.60
N PHE B 74 -7.36 1.34 -10.61
CA PHE B 74 -6.61 2.38 -9.95
C PHE B 74 -7.38 3.65 -9.56
N SER B 75 -6.78 4.40 -8.65
CA SER B 75 -7.34 5.67 -8.17
C SER B 75 -6.30 6.75 -8.42
N VAL B 76 -6.76 7.90 -8.91
CA VAL B 76 -5.88 9.02 -9.19
C VAL B 76 -6.42 10.26 -8.51
N ARG B 77 -5.59 10.92 -7.73
CA ARG B 77 -6.03 12.12 -7.03
C ARG B 77 -6.04 13.33 -7.96
N ASP B 78 -7.05 14.18 -7.81
CA ASP B 78 -7.18 15.38 -8.60
C ASP B 78 -6.08 16.36 -8.18
N CYS B 79 -5.24 16.74 -9.13
CA CYS B 79 -4.14 17.65 -8.85
C CYS B 79 -4.54 18.99 -8.23
N SER B 80 -5.79 19.39 -8.39
CA SER B 80 -6.22 20.67 -7.83
C SER B 80 -6.68 20.51 -6.38
N SER B 81 -6.80 19.26 -5.93
CA SER B 81 -7.23 19.00 -4.56
C SER B 81 -6.03 18.84 -3.63
N ILE B 82 -4.84 19.12 -4.16
CA ILE B 82 -3.60 19.03 -3.39
C ILE B 82 -3.00 20.42 -3.23
N PRO B 83 -3.14 21.02 -2.03
CA PRO B 83 -2.64 22.35 -1.66
C PRO B 83 -1.57 22.94 -2.56
N SER B 84 -0.31 22.70 -2.22
CA SER B 84 0.79 23.23 -3.02
C SER B 84 0.75 22.62 -4.42
N VAL B 85 0.16 23.35 -5.36
CA VAL B 85 0.05 22.90 -6.74
C VAL B 85 1.15 23.53 -7.59
N PRO B 86 2.27 22.81 -7.78
CA PRO B 86 3.38 23.32 -8.59
C PRO B 86 2.98 23.58 -10.03
N GLY B 87 2.58 22.52 -10.71
CA GLY B 87 2.18 22.62 -12.10
C GLY B 87 2.68 21.39 -12.84
N SER B 88 3.48 20.59 -12.13
CA SER B 88 4.05 19.38 -12.69
C SER B 88 3.19 18.16 -12.35
N CYS B 89 2.29 18.33 -11.39
CA CYS B 89 1.41 17.24 -10.99
C CYS B 89 0.68 16.72 -12.22
N LYS B 90 0.52 15.40 -12.31
CA LYS B 90 -0.16 14.80 -13.45
C LYS B 90 -1.17 13.78 -12.94
N GLU B 91 -2.03 13.29 -13.82
CA GLU B 91 -3.07 12.33 -13.43
C GLU B 91 -3.12 11.12 -14.33
N THR B 92 -2.01 10.86 -15.02
CA THR B 92 -1.92 9.71 -15.92
C THR B 92 -0.59 8.99 -15.65
N PHE B 93 -0.46 7.77 -16.15
CA PHE B 93 0.75 6.99 -15.99
C PHE B 93 0.86 6.11 -17.22
N ASN B 94 2.07 5.74 -17.59
CA ASN B 94 2.27 4.91 -18.75
C ASN B 94 2.45 3.46 -18.38
N LEU B 95 1.99 2.60 -19.27
CA LEU B 95 2.12 1.15 -19.12
C LEU B 95 3.07 0.68 -20.24
N TYR B 96 4.02 -0.18 -19.89
CA TYR B 96 4.98 -0.71 -20.87
C TYR B 96 5.11 -2.20 -20.62
N TYR B 97 5.77 -2.88 -21.55
CA TYR B 97 6.02 -4.30 -21.40
C TYR B 97 7.38 -4.59 -22.00
N TYR B 98 7.96 -5.70 -21.58
CA TYR B 98 9.27 -6.13 -22.07
C TYR B 98 9.26 -7.65 -22.02
N GLU B 99 9.46 -8.29 -23.17
CA GLU B 99 9.44 -9.73 -23.23
C GLU B 99 10.86 -10.32 -23.17
N ALA B 100 10.97 -11.53 -22.64
CA ALA B 100 12.25 -12.20 -22.54
C ALA B 100 12.01 -13.69 -22.38
N ASP B 101 12.99 -14.49 -22.80
CA ASP B 101 12.88 -15.93 -22.68
C ASP B 101 13.21 -16.40 -21.26
N PHE B 102 13.95 -15.60 -20.52
CA PHE B 102 14.31 -15.95 -19.14
C PHE B 102 13.99 -14.76 -18.25
N ASP B 103 14.01 -14.97 -16.93
CA ASP B 103 13.74 -13.87 -16.03
C ASP B 103 14.83 -12.86 -16.43
N LEU B 104 16.00 -12.93 -15.80
CA LEU B 104 17.09 -12.03 -16.17
C LEU B 104 16.97 -10.58 -15.73
N ALA B 105 15.78 -10.17 -15.29
CA ALA B 105 15.63 -8.80 -14.82
C ALA B 105 16.33 -8.74 -13.47
N THR B 106 17.10 -7.68 -13.25
CA THR B 106 17.84 -7.51 -12.00
C THR B 106 17.35 -6.27 -11.24
N LYS B 107 18.01 -5.15 -11.47
CA LYS B 107 17.65 -3.88 -10.86
C LYS B 107 18.18 -2.80 -11.78
N THR B 108 19.03 -3.24 -12.70
CA THR B 108 19.63 -2.34 -13.68
C THR B 108 19.46 -2.90 -15.09
N PHE B 109 19.60 -4.22 -15.19
CA PHE B 109 19.53 -4.96 -16.45
C PHE B 109 18.69 -4.32 -17.56
N PRO B 110 17.34 -4.44 -17.49
CA PRO B 110 16.64 -3.79 -18.60
C PRO B 110 16.49 -2.30 -18.26
N ASN B 111 17.23 -1.46 -18.97
CA ASN B 111 17.20 -0.02 -18.74
C ASN B 111 15.79 0.49 -18.49
N TRP B 112 15.71 1.49 -17.62
CA TRP B 112 14.44 2.09 -17.23
C TRP B 112 14.05 3.25 -18.11
N MET B 113 13.68 2.95 -19.35
CA MET B 113 13.27 3.99 -20.28
C MET B 113 12.53 3.41 -21.46
N GLU B 114 11.81 4.30 -22.14
CA GLU B 114 11.02 3.97 -23.32
C GLU B 114 11.84 3.23 -24.37
N ASN B 115 13.14 3.50 -24.44
CA ASN B 115 13.97 2.80 -25.42
C ASN B 115 13.72 1.30 -25.39
N PRO B 116 14.31 0.56 -24.44
CA PRO B 116 14.02 -0.89 -24.45
C PRO B 116 12.58 -1.29 -24.10
N TRP B 117 11.91 -0.52 -23.25
CA TRP B 117 10.52 -0.85 -22.91
C TRP B 117 9.59 -0.43 -24.05
N VAL B 118 8.63 -1.30 -24.37
CA VAL B 118 7.68 -1.00 -25.43
C VAL B 118 6.45 -0.39 -24.76
N LYS B 119 6.07 0.81 -25.17
CA LYS B 119 4.90 1.46 -24.58
C LYS B 119 3.57 0.93 -25.09
N VAL B 120 2.68 0.58 -24.17
CA VAL B 120 1.37 0.10 -24.57
C VAL B 120 0.48 1.33 -24.73
N ASP B 121 0.53 2.24 -23.75
CA ASP B 121 -0.29 3.45 -23.82
C ASP B 121 -0.15 4.33 -22.57
N THR B 122 -0.76 5.51 -22.64
CA THR B 122 -0.81 6.46 -21.52
C THR B 122 -2.21 6.24 -20.95
N ILE B 123 -2.30 5.73 -19.72
CA ILE B 123 -3.59 5.46 -19.10
C ILE B 123 -4.14 6.66 -18.33
N ALA B 124 -5.38 7.01 -18.59
CA ALA B 124 -6.03 8.13 -17.91
C ALA B 124 -7.20 7.62 -17.10
N ALA B 125 -7.57 8.35 -16.06
CA ALA B 125 -8.70 7.96 -15.22
C ALA B 125 -9.92 8.77 -15.60
N ASP B 126 -11.08 8.11 -15.64
CA ASP B 126 -12.32 8.78 -15.98
C ASP B 126 -12.81 9.54 -14.76
N GLU B 127 -12.32 9.12 -13.59
CA GLU B 127 -12.70 9.75 -12.33
C GLU B 127 -11.53 9.91 -11.37
N SER B 128 -11.14 11.15 -11.15
CA SER B 128 -10.06 11.47 -10.21
C SER B 128 -10.79 11.85 -8.92
N PHE B 129 -10.17 11.64 -7.76
CA PHE B 129 -10.84 11.97 -6.50
C PHE B 129 -10.26 13.19 -5.79
N SER B 130 -11.14 13.97 -5.15
CA SER B 130 -10.76 15.18 -4.44
C SER B 130 -11.23 15.12 -2.99
N GLN B 131 -12.42 14.58 -2.79
CA GLN B 131 -13.02 14.44 -1.46
C GLN B 131 -14.47 13.97 -1.59
N VAL B 132 -15.39 14.91 -1.74
CA VAL B 132 -16.83 14.64 -1.87
C VAL B 132 -17.34 13.50 -0.99
N ASP B 133 -18.50 12.96 -1.36
CA ASP B 133 -19.12 11.86 -0.62
C ASP B 133 -19.55 12.28 0.78
N LEU B 134 -20.60 11.63 1.28
CA LEU B 134 -21.13 11.92 2.61
C LEU B 134 -21.85 10.71 3.19
N GLY B 135 -21.23 9.55 3.09
CA GLY B 135 -21.83 8.34 3.60
C GLY B 135 -20.88 7.15 3.59
N GLY B 136 -19.94 7.17 2.64
CA GLY B 136 -18.98 6.09 2.52
C GLY B 136 -18.58 5.85 1.08
N ARG B 137 -17.43 5.23 0.86
CA ARG B 137 -16.95 4.95 -0.48
C ARG B 137 -17.93 4.05 -1.23
N VAL B 138 -18.22 4.42 -2.47
CA VAL B 138 -19.16 3.65 -3.29
C VAL B 138 -18.68 3.53 -4.73
N MET B 139 -17.95 4.52 -5.21
CA MET B 139 -17.45 4.52 -6.58
C MET B 139 -16.38 5.58 -6.83
N LYS B 140 -15.14 5.14 -6.99
CA LYS B 140 -14.03 6.06 -7.25
C LYS B 140 -12.80 5.32 -7.78
N ILE B 141 -12.95 4.02 -8.02
CA ILE B 141 -11.86 3.21 -8.54
C ILE B 141 -12.04 3.05 -10.04
N ASN B 142 -11.02 3.44 -10.79
CA ASN B 142 -11.04 3.35 -12.26
C ASN B 142 -10.64 1.98 -12.76
N THR B 143 -11.13 1.62 -13.94
CA THR B 143 -10.79 0.34 -14.56
C THR B 143 -10.45 0.61 -16.01
N GLU B 144 -9.23 0.28 -16.41
CA GLU B 144 -8.79 0.46 -17.78
C GLU B 144 -8.14 -0.82 -18.28
N VAL B 145 -8.50 -1.21 -19.50
CA VAL B 145 -7.95 -2.42 -20.10
C VAL B 145 -7.29 -2.13 -21.44
N ARG B 146 -6.09 -2.67 -21.63
CA ARG B 146 -5.36 -2.47 -22.87
C ARG B 146 -4.81 -3.82 -23.32
N SER B 147 -4.37 -3.88 -24.57
CA SER B 147 -3.82 -5.10 -25.13
C SER B 147 -2.60 -4.77 -26.00
N PHE B 148 -1.76 -5.78 -26.20
CA PHE B 148 -0.55 -5.68 -27.01
C PHE B 148 -0.26 -7.13 -27.41
N GLY B 149 0.48 -7.36 -28.49
CA GLY B 149 0.68 -8.76 -28.87
C GLY B 149 1.86 -9.28 -29.65
N PRO B 150 3.09 -8.82 -29.34
CA PRO B 150 4.19 -9.37 -30.12
C PRO B 150 4.62 -10.65 -29.41
N VAL B 151 4.48 -10.62 -28.10
CA VAL B 151 4.86 -11.70 -27.20
C VAL B 151 5.06 -13.07 -27.84
N SER B 152 6.33 -13.45 -27.97
CA SER B 152 6.75 -14.72 -28.55
C SER B 152 7.72 -15.42 -27.60
N ARG B 153 8.25 -14.68 -26.64
CA ARG B 153 9.19 -15.22 -25.65
C ARG B 153 8.47 -15.96 -24.53
N ASN B 154 9.22 -16.72 -23.74
CA ASN B 154 8.66 -17.50 -22.63
C ASN B 154 7.87 -16.67 -21.62
N GLY B 155 8.27 -15.43 -21.43
CA GLY B 155 7.55 -14.60 -20.47
C GLY B 155 7.76 -13.14 -20.77
N PHE B 156 7.24 -12.30 -19.90
CA PHE B 156 7.38 -10.86 -20.08
C PHE B 156 7.11 -10.15 -18.77
N TYR B 157 7.60 -8.93 -18.66
CA TYR B 157 7.36 -8.12 -17.47
C TYR B 157 6.49 -6.97 -17.92
N LEU B 158 5.90 -6.28 -16.96
CA LEU B 158 5.08 -5.12 -17.22
C LEU B 158 5.74 -4.01 -16.41
N ALA B 159 5.64 -2.77 -16.87
CA ALA B 159 6.21 -1.65 -16.14
C ALA B 159 5.27 -0.45 -16.17
N PHE B 160 5.16 0.26 -15.05
CA PHE B 160 4.29 1.43 -14.98
C PHE B 160 5.14 2.63 -14.63
N GLN B 161 4.94 3.73 -15.35
CA GLN B 161 5.70 4.94 -15.15
C GLN B 161 4.87 6.13 -14.69
N ASP B 162 5.28 6.73 -13.58
CA ASP B 162 4.63 7.91 -13.03
C ASP B 162 5.58 9.08 -13.24
N TYR B 163 5.01 10.26 -13.48
CA TYR B 163 5.83 11.44 -13.69
C TYR B 163 5.41 12.67 -12.89
N GLY B 164 4.99 12.46 -11.65
CA GLY B 164 4.59 13.59 -10.82
C GLY B 164 3.14 13.59 -10.38
N GLY B 165 2.51 12.42 -10.31
CA GLY B 165 1.13 12.39 -9.89
C GLY B 165 1.02 11.87 -8.48
N CYS B 166 -0.21 11.71 -8.02
CA CYS B 166 -0.48 11.17 -6.69
C CYS B 166 -1.50 10.11 -7.00
N MET B 167 -1.04 8.87 -7.11
CA MET B 167 -1.94 7.79 -7.46
C MET B 167 -1.68 6.48 -6.78
N SER B 168 -2.61 5.56 -6.98
CA SER B 168 -2.52 4.25 -6.38
C SER B 168 -2.90 3.19 -7.41
N LEU B 169 -2.01 2.24 -7.63
CA LEU B 169 -2.27 1.13 -8.56
C LEU B 169 -2.86 0.04 -7.67
N ILE B 170 -4.19 -0.05 -7.64
CA ILE B 170 -4.87 -1.01 -6.79
C ILE B 170 -4.73 -2.46 -7.20
N ALA B 171 -4.89 -2.75 -8.48
CA ALA B 171 -4.79 -4.12 -8.95
C ALA B 171 -4.40 -4.20 -10.41
N VAL B 172 -3.78 -5.32 -10.77
CA VAL B 172 -3.36 -5.55 -12.14
C VAL B 172 -3.69 -6.99 -12.46
N ARG B 173 -4.47 -7.19 -13.52
CA ARG B 173 -4.83 -8.54 -13.92
C ARG B 173 -4.40 -8.71 -15.37
N VAL B 174 -3.63 -9.74 -15.62
CA VAL B 174 -3.12 -10.03 -16.96
C VAL B 174 -3.76 -11.32 -17.45
N PHE B 175 -4.27 -11.31 -18.67
CA PHE B 175 -4.92 -12.50 -19.21
C PHE B 175 -4.90 -12.53 -20.72
N TYR B 176 -5.18 -13.72 -21.26
CA TYR B 176 -5.23 -13.89 -22.69
C TYR B 176 -6.44 -14.78 -23.00
N ARG B 177 -6.84 -14.81 -24.26
CA ARG B 177 -7.97 -15.60 -24.68
C ARG B 177 -7.51 -16.74 -25.59
N LYS B 178 -7.83 -17.97 -25.20
CA LYS B 178 -7.46 -19.14 -25.99
C LYS B 178 -8.77 -19.83 -26.38
N CYS B 179 -9.53 -19.16 -27.26
CA CYS B 179 -10.82 -19.65 -27.72
C CYS B 179 -10.84 -21.10 -28.19
N PRO B 180 -11.69 -21.93 -27.56
CA PRO B 180 -11.83 -23.35 -27.90
C PRO B 180 -12.37 -23.56 -29.32
N ARG B 181 -12.97 -22.51 -29.88
CA ARG B 181 -13.52 -22.58 -31.24
C ARG B 181 -12.46 -22.23 -32.28
#